data_8B2A
#
_entry.id   8B2A
#
_cell.length_a   36.382
_cell.length_b   79.574
_cell.length_c   83.535
_cell.angle_alpha   90.000
_cell.angle_beta   101.171
_cell.angle_gamma   90.000
#
_symmetry.space_group_name_H-M   'P 1 2 1'
#
loop_
_entity.id
_entity.type
_entity.pdbx_description
1 polymer '3-dehydroquinate dehydratase'
2 non-polymer '(4R,5R)-3-amino-4,5-dihydroxy-cyclohexene-1-carboxylic acid'
3 non-polymer 'SULFATE ION'
4 non-polymer 'CHLORIDE ION'
5 water water
#
_entity_poly.entity_id   1
_entity_poly.type   'polypeptide(L)'
_entity_poly.pdbx_seq_one_letter_code
;MTHVEVVATIAPQLYIEETLIQKINHRIDAIDVLELRIDQIENVTVNQVAEMITKLKVMQDSFKLLVTYRTKLQGGYGQF
TNDLYLNLISDLANINGIDMIDIEWQADIDIEKHQRIITHLQQYNKEVVISHHNFESTPPLDELQFIFFKMQKFNPEYVK
LAVMPHNKNDVLNLLQAMSTFSDTMDCKVVGISMSKLGLISRTAQGVFGGALTYGCIGEPQAPGQIDVTDLKAQVTLY
;
_entity_poly.pdbx_strand_id   AAA,BBB
#
# COMPACT_ATOMS: atom_id res chain seq x y z
N HIS A 3 22.00 -4.77 -4.31
CA HIS A 3 21.52 -3.36 -4.42
C HIS A 3 20.68 -3.15 -5.67
N VAL A 4 20.53 -4.16 -6.55
CA VAL A 4 19.67 -4.06 -7.76
C VAL A 4 18.21 -3.96 -7.32
N GLU A 5 17.48 -2.99 -7.87
CA GLU A 5 16.05 -2.73 -7.56
C GLU A 5 15.18 -3.39 -8.63
N VAL A 6 14.09 -4.04 -8.23
CA VAL A 6 13.16 -4.75 -9.14
C VAL A 6 12.08 -3.75 -9.56
N VAL A 7 11.94 -3.58 -10.87
CA VAL A 7 10.92 -2.73 -11.52
C VAL A 7 9.79 -3.66 -11.97
N ALA A 8 8.55 -3.29 -11.63
CA ALA A 8 7.31 -3.89 -12.14
C ALA A 8 6.75 -2.94 -13.19
N THR A 9 6.66 -3.40 -14.42
CA THR A 9 6.14 -2.60 -15.55
C THR A 9 4.66 -2.89 -15.64
N ILE A 10 3.84 -1.84 -15.62
CA ILE A 10 2.38 -1.96 -15.89
C ILE A 10 2.06 -1.06 -17.08
N ALA A 11 1.01 -1.42 -17.83
CA ALA A 11 0.60 -0.69 -19.05
C ALA A 11 -0.93 -0.62 -19.12
N PRO A 12 -1.58 0.11 -18.19
CA PRO A 12 -3.05 0.19 -18.15
C PRO A 12 -3.64 1.19 -19.13
N GLN A 13 -4.96 1.35 -19.11
CA GLN A 13 -5.68 2.45 -19.81
C GLN A 13 -6.10 3.47 -18.76
N LEU A 14 -6.68 4.60 -19.17
CA LEU A 14 -6.87 5.80 -18.29
C LEU A 14 -7.41 5.34 -16.94
N TYR A 15 -8.24 4.29 -16.93
CA TYR A 15 -8.74 3.61 -15.72
C TYR A 15 -7.73 2.53 -15.30
N ILE A 16 -6.99 2.76 -14.21
CA ILE A 16 -6.22 1.69 -13.51
C ILE A 16 -7.23 0.83 -12.75
N GLU A 17 -7.37 -0.43 -13.14
CA GLU A 17 -8.37 -1.40 -12.59
C GLU A 17 -8.02 -1.71 -11.14
N GLU A 18 -9.05 -1.90 -10.31
CA GLU A 18 -8.90 -2.34 -8.89
C GLU A 18 -8.19 -3.70 -8.89
N THR A 19 -8.48 -4.54 -9.89
CA THR A 19 -7.90 -5.90 -10.10
C THR A 19 -6.38 -5.78 -10.27
N LEU A 20 -5.91 -4.73 -10.96
CA LEU A 20 -4.46 -4.48 -11.14
C LEU A 20 -3.88 -3.97 -9.82
N ILE A 21 -4.54 -3.01 -9.18
CA ILE A 21 -4.08 -2.50 -7.84
C ILE A 21 -3.91 -3.69 -6.90
N GLN A 22 -4.81 -4.68 -6.99
CA GLN A 22 -4.79 -5.86 -6.10
C GLN A 22 -3.52 -6.67 -6.35
N LYS A 23 -3.22 -6.96 -7.62
CA LYS A 23 -2.04 -7.79 -8.01
C LYS A 23 -0.74 -7.06 -7.63
N ILE A 24 -0.72 -5.73 -7.73
CA ILE A 24 0.46 -4.92 -7.29
C ILE A 24 0.62 -5.18 -5.79
N ASN A 25 -0.48 -5.17 -5.03
CA ASN A 25 -0.37 -5.29 -3.56
C ASN A 25 0.11 -6.68 -3.15
N HIS A 26 -0.33 -7.73 -3.84
CA HIS A 26 0.12 -9.12 -3.57
C HIS A 26 1.62 -9.22 -3.79
N ARG A 27 2.19 -8.39 -4.67
CA ARG A 27 3.62 -8.44 -5.05
C ARG A 27 4.41 -7.30 -4.43
N ILE A 28 3.91 -6.69 -3.35
CA ILE A 28 4.44 -5.40 -2.84
C ILE A 28 5.90 -5.57 -2.41
N ASP A 29 6.26 -6.73 -1.87
CA ASP A 29 7.60 -7.01 -1.28
C ASP A 29 8.63 -7.28 -2.39
N ALA A 30 8.19 -7.62 -3.60
CA ALA A 30 9.09 -7.82 -4.76
C ALA A 30 9.38 -6.48 -5.45
N ILE A 31 8.48 -5.49 -5.34
CA ILE A 31 8.54 -4.27 -6.18
C ILE A 31 9.27 -3.14 -5.44
N ASP A 32 10.39 -2.69 -5.99
CA ASP A 32 11.13 -1.50 -5.54
C ASP A 32 10.66 -0.29 -6.34
N VAL A 33 10.37 -0.51 -7.63
CA VAL A 33 10.00 0.57 -8.57
C VAL A 33 8.79 0.09 -9.36
N LEU A 34 7.76 0.91 -9.43
CA LEU A 34 6.59 0.59 -10.28
C LEU A 34 6.74 1.46 -11.51
N GLU A 35 6.83 0.83 -12.68
CA GLU A 35 6.95 1.56 -13.97
C GLU A 35 5.57 1.61 -14.60
N LEU A 36 5.01 2.81 -14.63
CA LEU A 36 3.77 3.12 -15.37
C LEU A 36 4.14 3.49 -16.80
N ARG A 37 3.98 2.52 -17.69
CA ARG A 37 4.12 2.79 -19.13
C ARG A 37 2.85 3.56 -19.50
N ILE A 38 2.99 4.56 -20.34
CA ILE A 38 1.83 5.37 -20.78
C ILE A 38 1.72 5.47 -22.29
N ASP A 39 2.68 5.00 -23.08
CA ASP A 39 2.65 5.14 -24.56
C ASP A 39 1.51 4.34 -25.20
N GLN A 40 0.94 3.36 -24.48
CA GLN A 40 -0.19 2.48 -24.93
C GLN A 40 -1.52 3.25 -24.87
N ILE A 41 -1.51 4.42 -24.24
CA ILE A 41 -2.67 5.35 -24.18
C ILE A 41 -2.51 6.38 -25.29
N GLU A 42 -3.23 6.18 -26.40
CA GLU A 42 -3.34 7.15 -27.52
C GLU A 42 -3.81 8.47 -26.92
N ASN A 43 -3.17 9.58 -27.28
CA ASN A 43 -3.54 10.93 -26.77
C ASN A 43 -3.61 10.91 -25.22
N VAL A 44 -2.73 10.17 -24.56
CA VAL A 44 -2.50 10.36 -23.10
C VAL A 44 -2.15 11.84 -22.86
N THR A 45 -2.66 12.42 -21.78
CA THR A 45 -2.25 13.76 -21.32
C THR A 45 -1.59 13.67 -19.94
N VAL A 46 -0.95 14.76 -19.54
CA VAL A 46 -0.34 14.90 -18.19
CA VAL A 46 -0.34 14.90 -18.19
C VAL A 46 -1.44 14.79 -17.15
N ASN A 47 -2.61 15.39 -17.38
CA ASN A 47 -3.74 15.30 -16.42
C ASN A 47 -4.22 13.86 -16.26
N GLN A 48 -4.28 13.07 -17.35
CA GLN A 48 -4.66 11.63 -17.22
C GLN A 48 -3.58 10.90 -16.41
N VAL A 49 -2.30 11.23 -16.61
CA VAL A 49 -1.20 10.56 -15.84
C VAL A 49 -1.39 10.92 -14.35
N ALA A 50 -1.58 12.21 -14.06
CA ALA A 50 -1.82 12.70 -12.68
C ALA A 50 -2.96 11.89 -12.05
N GLU A 51 -4.05 11.64 -12.77
CA GLU A 51 -5.23 10.90 -12.23
C GLU A 51 -4.82 9.46 -11.86
N MET A 52 -4.08 8.80 -12.74
CA MET A 52 -3.67 7.40 -12.53
C MET A 52 -2.74 7.33 -11.32
N ILE A 53 -1.85 8.31 -11.18
CA ILE A 53 -0.85 8.36 -10.09
C ILE A 53 -1.61 8.55 -8.76
N THR A 54 -2.72 9.28 -8.74
CA THR A 54 -3.55 9.44 -7.51
C THR A 54 -3.88 8.04 -6.97
N LYS A 55 -4.27 7.10 -7.84
CA LYS A 55 -4.61 5.72 -7.38
C LYS A 55 -3.37 4.98 -6.85
N LEU A 56 -2.17 5.29 -7.33
CA LEU A 56 -0.94 4.50 -7.02
C LEU A 56 -0.25 5.04 -5.76
N LYS A 57 -0.39 6.34 -5.47
CA LYS A 57 0.44 7.06 -4.47
C LYS A 57 0.17 6.53 -3.05
N VAL A 58 -0.98 5.89 -2.79
CA VAL A 58 -1.27 5.19 -1.50
C VAL A 58 -0.13 4.18 -1.24
N MET A 59 0.46 3.62 -2.30
CA MET A 59 1.53 2.60 -2.18
C MET A 59 2.92 3.24 -2.23
N GLN A 60 2.99 4.58 -2.22
CA GLN A 60 4.23 5.37 -2.53
C GLN A 60 5.33 5.07 -1.51
N ASP A 61 4.93 4.60 -0.33
CA ASP A 61 5.82 4.21 0.80
C ASP A 61 6.55 2.89 0.47
N SER A 62 5.96 2.04 -0.39
CA SER A 62 6.47 0.67 -0.68
C SER A 62 7.31 0.65 -1.96
N PHE A 63 7.31 1.71 -2.77
CA PHE A 63 8.05 1.72 -4.05
C PHE A 63 8.08 3.11 -4.64
N LYS A 64 9.11 3.36 -5.45
CA LYS A 64 9.26 4.57 -6.30
C LYS A 64 8.38 4.41 -7.56
N LEU A 65 7.84 5.52 -8.02
CA LEU A 65 7.03 5.59 -9.26
C LEU A 65 7.88 6.15 -10.41
N LEU A 66 8.00 5.35 -11.48
CA LEU A 66 8.70 5.73 -12.73
C LEU A 66 7.62 5.82 -13.82
N VAL A 67 7.61 6.93 -14.54
CA VAL A 67 6.68 7.09 -15.70
C VAL A 67 7.51 7.05 -16.96
N THR A 68 7.09 6.19 -17.90
CA THR A 68 7.80 5.93 -19.15
C THR A 68 6.85 6.05 -20.34
N TYR A 69 7.09 7.02 -21.20
CA TYR A 69 6.51 7.04 -22.57
C TYR A 69 7.54 6.45 -23.51
N ARG A 70 7.28 5.23 -23.99
CA ARG A 70 8.14 4.51 -24.95
C ARG A 70 7.64 4.81 -26.37
N THR A 71 8.45 5.48 -27.16
CA THR A 71 8.09 5.83 -28.56
C THR A 71 8.04 4.53 -29.37
N LYS A 72 7.26 4.53 -30.44
CA LYS A 72 7.24 3.39 -31.36
C LYS A 72 8.62 3.14 -31.96
N LEU A 73 9.35 4.18 -32.33
CA LEU A 73 10.69 4.04 -32.92
C LEU A 73 11.56 3.25 -31.94
N GLN A 74 11.34 3.39 -30.63
CA GLN A 74 12.20 2.68 -29.64
C GLN A 74 11.49 1.44 -29.06
N GLY A 75 10.50 0.88 -29.77
CA GLY A 75 9.94 -0.44 -29.47
C GLY A 75 8.65 -0.39 -28.66
N GLY A 76 8.12 0.80 -28.40
CA GLY A 76 6.87 0.99 -27.67
C GLY A 76 5.73 1.29 -28.62
N TYR A 77 4.67 1.88 -28.10
CA TYR A 77 3.42 2.12 -28.87
C TYR A 77 3.20 3.59 -29.12
N GLY A 78 4.04 4.48 -28.61
CA GLY A 78 3.87 5.95 -28.69
C GLY A 78 4.15 6.52 -30.06
N GLN A 79 3.14 7.15 -30.67
CA GLN A 79 3.26 7.76 -32.01
C GLN A 79 3.09 9.27 -31.93
N PHE A 80 3.21 9.86 -30.73
CA PHE A 80 3.45 11.32 -30.58
C PHE A 80 4.61 11.74 -31.48
N THR A 81 4.51 12.95 -32.04
CA THR A 81 5.62 13.69 -32.65
C THR A 81 6.70 13.90 -31.59
N ASN A 82 7.93 14.04 -32.02
CA ASN A 82 9.07 14.40 -31.13
C ASN A 82 8.70 15.63 -30.28
N ASP A 83 8.12 16.69 -30.87
CA ASP A 83 7.74 17.92 -30.13
C ASP A 83 6.70 17.62 -29.03
N LEU A 84 5.66 16.85 -29.34
CA LEU A 84 4.63 16.53 -28.35
C LEU A 84 5.21 15.61 -27.27
N TYR A 85 6.10 14.73 -27.66
CA TYR A 85 6.73 13.76 -26.71
C TYR A 85 7.58 14.57 -25.72
N LEU A 86 8.39 15.50 -26.21
CA LEU A 86 9.32 16.26 -25.33
C LEU A 86 8.53 17.22 -24.44
N ASN A 87 7.40 17.76 -24.91
CA ASN A 87 6.50 18.54 -24.02
C ASN A 87 5.91 17.66 -22.94
N LEU A 88 5.57 16.39 -23.22
CA LEU A 88 4.96 15.49 -22.23
C LEU A 88 6.05 15.24 -21.17
N ILE A 89 7.27 14.95 -21.63
CA ILE A 89 8.37 14.61 -20.68
C ILE A 89 8.59 15.79 -19.75
N SER A 90 8.73 17.00 -20.31
CA SER A 90 8.91 18.23 -19.51
C SER A 90 7.73 18.40 -18.54
N ASP A 91 6.47 18.25 -18.98
CA ASP A 91 5.27 18.53 -18.14
C ASP A 91 5.10 17.49 -17.04
N LEU A 92 5.68 16.29 -17.18
CA LEU A 92 5.58 15.28 -16.11
C LEU A 92 6.30 15.80 -14.84
N ALA A 93 7.21 16.77 -14.94
CA ALA A 93 7.88 17.39 -13.75
C ALA A 93 6.86 17.86 -12.69
N ASN A 94 5.62 18.20 -13.06
CA ASN A 94 4.64 18.85 -12.14
C ASN A 94 3.79 17.84 -11.37
N ILE A 95 3.91 16.53 -11.59
CA ILE A 95 3.08 15.56 -10.84
C ILE A 95 3.92 15.15 -9.64
N ASN A 96 3.48 15.51 -8.44
CA ASN A 96 4.35 15.40 -7.23
C ASN A 96 4.76 13.95 -7.03
N GLY A 97 3.83 13.01 -7.32
CA GLY A 97 3.93 11.57 -7.02
C GLY A 97 4.96 10.85 -7.89
N ILE A 98 5.39 11.45 -9.00
CA ILE A 98 6.44 10.84 -9.87
C ILE A 98 7.79 11.01 -9.18
N ASP A 99 8.56 9.92 -9.05
CA ASP A 99 9.95 9.90 -8.53
C ASP A 99 10.95 9.91 -9.68
N MET A 100 10.63 9.22 -10.79
CA MET A 100 11.57 8.96 -11.89
C MET A 100 10.83 9.18 -13.23
N ILE A 101 11.57 9.69 -14.18
CA ILE A 101 11.09 9.88 -15.58
C ILE A 101 12.11 9.32 -16.56
N ASP A 102 11.60 8.53 -17.50
CA ASP A 102 12.41 7.97 -18.62
C ASP A 102 12.44 8.99 -19.77
N ILE A 103 13.61 9.31 -20.28
CA ILE A 103 13.73 10.13 -21.52
C ILE A 103 14.61 9.36 -22.49
N GLU A 104 14.17 9.30 -23.73
CA GLU A 104 14.88 8.50 -24.74
C GLU A 104 16.05 9.25 -25.33
N TRP A 105 17.08 8.50 -25.62
CA TRP A 105 18.29 8.93 -26.33
C TRP A 105 18.40 8.18 -27.66
N GLN A 106 18.79 8.91 -28.70
CA GLN A 106 19.25 8.33 -29.99
C GLN A 106 20.29 9.32 -30.57
N ALA A 107 21.12 8.88 -31.51
CA ALA A 107 22.30 9.66 -31.99
C ALA A 107 21.86 10.99 -32.62
N ASP A 108 20.63 11.12 -33.12
CA ASP A 108 20.14 12.31 -33.88
C ASP A 108 19.45 13.34 -32.98
N ILE A 109 19.54 13.27 -31.66
CA ILE A 109 18.75 14.20 -30.80
C ILE A 109 19.34 15.61 -30.89
N ASP A 110 18.51 16.61 -30.58
CA ASP A 110 18.96 18.00 -30.28
C ASP A 110 19.56 17.98 -28.86
N ILE A 111 20.88 17.95 -28.74
CA ILE A 111 21.57 17.80 -27.43
C ILE A 111 21.18 18.95 -26.50
N GLU A 112 21.12 20.19 -27.00
CA GLU A 112 20.80 21.37 -26.17
C GLU A 112 19.42 21.22 -25.52
N LYS A 113 18.40 20.88 -26.30
CA LYS A 113 17.00 20.73 -25.86
C LYS A 113 16.97 19.61 -24.82
N HIS A 114 17.74 18.54 -25.04
CA HIS A 114 17.69 17.37 -24.12
C HIS A 114 18.25 17.82 -22.77
N GLN A 115 19.38 18.52 -22.79
CA GLN A 115 20.02 19.03 -21.55
C GLN A 115 19.06 20.00 -20.87
N ARG A 116 18.38 20.90 -21.60
CA ARG A 116 17.37 21.77 -20.96
C ARG A 116 16.33 20.94 -20.20
N ILE A 117 15.74 19.95 -20.86
CA ILE A 117 14.62 19.20 -20.26
C ILE A 117 15.17 18.44 -19.05
N ILE A 118 16.34 17.84 -19.22
CA ILE A 118 16.92 16.98 -18.14
C ILE A 118 17.22 17.87 -16.95
N THR A 119 17.86 19.00 -17.20
CA THR A 119 18.13 20.01 -16.13
C THR A 119 16.81 20.41 -15.45
N HIS A 120 15.72 20.67 -16.19
CA HIS A 120 14.39 21.00 -15.63
C HIS A 120 13.83 19.89 -14.75
N LEU A 121 13.87 18.64 -15.22
CA LEU A 121 13.34 17.50 -14.45
C LEU A 121 14.08 17.44 -13.09
N GLN A 122 15.38 17.61 -13.15
CA GLN A 122 16.25 17.46 -11.94
C GLN A 122 16.00 18.63 -10.99
N GLN A 123 15.83 19.82 -11.56
CA GLN A 123 15.43 21.03 -10.75
C GLN A 123 14.10 20.78 -10.02
N TYR A 124 13.18 20.03 -10.65
CA TYR A 124 11.89 19.63 -10.06
C TYR A 124 12.03 18.33 -9.25
N ASN A 125 13.26 17.92 -8.92
CA ASN A 125 13.51 16.82 -7.95
C ASN A 125 13.06 15.48 -8.52
N LYS A 126 13.08 15.35 -9.85
CA LYS A 126 12.83 14.07 -10.54
C LYS A 126 14.17 13.42 -10.89
N GLU A 127 14.23 12.11 -10.69
CA GLU A 127 15.37 11.30 -11.13
C GLU A 127 15.14 10.99 -12.59
N VAL A 128 16.16 11.15 -13.40
CA VAL A 128 16.08 10.91 -14.86
C VAL A 128 16.71 9.58 -15.19
N VAL A 129 15.94 8.75 -15.92
CA VAL A 129 16.52 7.55 -16.59
C VAL A 129 16.63 7.92 -18.06
N ILE A 130 17.85 8.04 -18.58
CA ILE A 130 18.05 8.25 -20.05
C ILE A 130 18.17 6.86 -20.66
N SER A 131 17.38 6.57 -21.69
CA SER A 131 17.25 5.18 -22.17
C SER A 131 17.51 5.11 -23.67
N HIS A 132 18.02 3.97 -24.12
CA HIS A 132 18.19 3.69 -25.58
C HIS A 132 17.84 2.25 -25.81
N HIS A 133 16.96 1.97 -26.76
CA HIS A 133 16.51 0.61 -27.09
C HIS A 133 16.85 0.32 -28.54
N ASN A 134 17.43 -0.83 -28.80
CA ASN A 134 17.60 -1.38 -30.15
C ASN A 134 16.96 -2.77 -30.12
N PHE A 135 15.80 -2.92 -30.75
CA PHE A 135 14.98 -4.15 -30.69
C PHE A 135 15.34 -5.09 -31.85
N GLU A 136 16.25 -4.67 -32.72
CA GLU A 136 16.66 -5.46 -33.92
C GLU A 136 18.00 -6.17 -33.66
N SER A 137 18.95 -5.51 -32.99
CA SER A 137 20.35 -5.99 -32.94
C SER A 137 21.09 -5.50 -31.71
N THR A 138 22.30 -6.02 -31.54
CA THR A 138 23.24 -5.57 -30.49
C THR A 138 24.50 -5.10 -31.17
N PRO A 139 24.83 -3.80 -31.10
CA PRO A 139 26.08 -3.31 -31.60
C PRO A 139 27.30 -3.97 -30.96
N PRO A 140 28.48 -3.90 -31.62
CA PRO A 140 29.71 -4.44 -31.05
C PRO A 140 30.02 -3.74 -29.72
N LEU A 141 30.84 -4.39 -28.89
CA LEU A 141 31.20 -3.89 -27.54
C LEU A 141 31.57 -2.40 -27.57
N ASP A 142 32.48 -1.98 -28.46
CA ASP A 142 33.01 -0.59 -28.42
C ASP A 142 31.84 0.36 -28.71
N GLU A 143 30.86 -0.05 -29.52
CA GLU A 143 29.70 0.83 -29.80
C GLU A 143 28.78 0.88 -28.57
N LEU A 144 28.58 -0.24 -27.92
CA LEU A 144 27.75 -0.25 -26.68
C LEU A 144 28.37 0.74 -25.68
N GLN A 145 29.68 0.64 -25.44
CA GLN A 145 30.36 1.54 -24.48
C GLN A 145 30.16 2.98 -24.92
N PHE A 146 30.29 3.26 -26.23
CA PHE A 146 30.08 4.60 -26.83
C PHE A 146 28.70 5.13 -26.48
N ILE A 147 27.65 4.32 -26.67
CA ILE A 147 26.26 4.73 -26.35
C ILE A 147 26.15 5.07 -24.86
N PHE A 148 26.58 4.20 -23.94
CA PHE A 148 26.56 4.51 -22.50
C PHE A 148 27.28 5.86 -22.26
N PHE A 149 28.45 6.03 -22.88
CA PHE A 149 29.31 7.23 -22.69
C PHE A 149 28.53 8.47 -23.14
N LYS A 150 27.88 8.44 -24.31
CA LYS A 150 27.12 9.62 -24.79
C LYS A 150 25.92 9.94 -23.88
N MET A 151 25.23 8.94 -23.35
CA MET A 151 24.04 9.16 -22.51
C MET A 151 24.47 9.71 -21.14
N GLN A 152 25.59 9.25 -20.60
CA GLN A 152 26.03 9.72 -19.25
C GLN A 152 26.48 11.19 -19.30
N LYS A 153 26.87 11.71 -20.48
CA LYS A 153 27.29 13.13 -20.62
C LYS A 153 26.16 14.09 -20.17
N PHE A 154 24.90 13.63 -20.06
CA PHE A 154 23.76 14.48 -19.65
C PHE A 154 23.64 14.52 -18.13
N ASN A 155 24.52 13.79 -17.43
CA ASN A 155 24.49 13.69 -15.95
C ASN A 155 23.10 13.28 -15.48
N PRO A 156 22.55 12.16 -16.02
CA PRO A 156 21.32 11.59 -15.49
C PRO A 156 21.58 10.79 -14.20
N GLU A 157 20.53 10.39 -13.53
CA GLU A 157 20.65 9.46 -12.38
C GLU A 157 20.96 8.05 -12.90
N TYR A 158 20.36 7.65 -14.00
CA TYR A 158 20.51 6.31 -14.59
C TYR A 158 20.71 6.41 -16.09
N VAL A 159 21.54 5.54 -16.62
CA VAL A 159 21.58 5.26 -18.08
C VAL A 159 21.08 3.84 -18.29
N LYS A 160 20.27 3.65 -19.29
CA LYS A 160 19.65 2.33 -19.58
C LYS A 160 19.86 2.00 -21.06
N LEU A 161 20.49 0.88 -21.33
CA LEU A 161 20.71 0.36 -22.70
C LEU A 161 20.01 -1.00 -22.78
N ALA A 162 19.06 -1.15 -23.70
CA ALA A 162 18.36 -2.41 -23.98
C ALA A 162 18.60 -2.79 -25.44
N VAL A 163 19.12 -3.98 -25.67
CA VAL A 163 19.56 -4.42 -27.02
C VAL A 163 19.09 -5.86 -27.25
N MET A 164 18.92 -6.23 -28.53
CA MET A 164 18.40 -7.54 -28.93
C MET A 164 19.53 -8.41 -29.40
N PRO A 165 19.86 -9.49 -28.67
CA PRO A 165 20.94 -10.36 -29.09
C PRO A 165 20.47 -11.27 -30.23
N HIS A 166 21.41 -11.59 -31.11
CA HIS A 166 21.29 -12.67 -32.12
C HIS A 166 22.12 -13.90 -31.75
N ASN A 167 22.95 -13.82 -30.73
CA ASN A 167 23.87 -14.94 -30.41
C ASN A 167 24.39 -14.74 -28.99
N LYS A 168 25.14 -15.72 -28.49
CA LYS A 168 25.77 -15.68 -27.14
C LYS A 168 26.71 -14.48 -27.00
N ASN A 169 27.50 -14.16 -28.02
CA ASN A 169 28.50 -13.08 -27.93
C ASN A 169 27.76 -11.75 -27.70
N ASP A 170 26.61 -11.57 -28.33
CA ASP A 170 25.83 -10.32 -28.14
C ASP A 170 25.41 -10.18 -26.67
N VAL A 171 25.08 -11.28 -25.99
CA VAL A 171 24.65 -11.23 -24.58
C VAL A 171 25.90 -10.84 -23.77
N LEU A 172 27.00 -11.54 -24.00
CA LEU A 172 28.28 -11.27 -23.28
C LEU A 172 28.76 -9.83 -23.54
N ASN A 173 28.53 -9.27 -24.72
CA ASN A 173 29.00 -7.90 -25.01
C ASN A 173 28.19 -6.91 -24.20
N LEU A 174 26.86 -7.12 -24.08
CA LEU A 174 26.00 -6.23 -23.26
C LEU A 174 26.46 -6.30 -21.79
N LEU A 175 26.66 -7.51 -21.26
CA LEU A 175 27.11 -7.67 -19.86
C LEU A 175 28.46 -6.95 -19.70
N GLN A 176 29.39 -7.12 -20.64
CA GLN A 176 30.77 -6.57 -20.50
C GLN A 176 30.71 -5.05 -20.54
N ALA A 177 29.88 -4.50 -21.43
CA ALA A 177 29.74 -3.03 -21.53
C ALA A 177 29.22 -2.46 -20.22
N MET A 178 28.18 -3.09 -19.65
CA MET A 178 27.54 -2.66 -18.41
C MET A 178 28.60 -2.74 -17.30
N SER A 179 29.30 -3.87 -17.29
CA SER A 179 30.25 -4.14 -16.19
C SER A 179 31.37 -3.09 -16.22
N THR A 180 31.99 -2.84 -17.38
CA THR A 180 33.07 -1.84 -17.55
C THR A 180 32.50 -0.46 -17.16
N PHE A 181 31.30 -0.12 -17.62
CA PHE A 181 30.72 1.20 -17.29
C PHE A 181 30.61 1.33 -15.77
N SER A 182 30.06 0.32 -15.10
CA SER A 182 29.77 0.34 -13.64
C SER A 182 31.08 0.51 -12.86
N ASP A 183 32.20 0.04 -13.40
CA ASP A 183 33.52 0.10 -12.72
C ASP A 183 34.12 1.51 -12.76
N THR A 184 33.77 2.32 -13.76
CA THR A 184 34.50 3.55 -14.12
C THR A 184 33.65 4.80 -13.82
N MET A 185 32.32 4.67 -13.70
CA MET A 185 31.40 5.84 -13.60
C MET A 185 30.63 5.82 -12.27
N ASP A 186 30.21 6.98 -11.77
CA ASP A 186 29.37 7.11 -10.54
C ASP A 186 27.91 6.85 -10.92
N CYS A 187 27.49 7.40 -12.06
CA CYS A 187 26.16 7.22 -12.68
C CYS A 187 25.63 5.77 -12.57
N LYS A 188 24.35 5.55 -12.25
CA LYS A 188 23.81 4.16 -12.20
C LYS A 188 23.57 3.67 -13.63
N VAL A 189 23.68 2.36 -13.82
CA VAL A 189 23.65 1.75 -15.17
C VAL A 189 22.66 0.60 -15.16
N VAL A 190 21.94 0.47 -16.27
CA VAL A 190 20.94 -0.59 -16.51
C VAL A 190 21.28 -1.13 -17.88
N GLY A 191 21.53 -2.43 -18.00
CA GLY A 191 21.84 -3.07 -19.27
C GLY A 191 20.94 -4.26 -19.47
N ILE A 192 20.15 -4.26 -20.55
CA ILE A 192 19.21 -5.37 -20.85
C ILE A 192 19.60 -5.97 -22.21
N SER A 193 19.84 -7.27 -22.21
CA SER A 193 19.78 -8.13 -23.40
C SER A 193 18.39 -8.74 -23.40
N MET A 194 17.57 -8.40 -24.42
CA MET A 194 16.16 -8.78 -24.50
C MET A 194 16.03 -10.23 -24.96
N SER A 195 14.82 -10.78 -24.88
CA SER A 195 14.42 -12.10 -25.45
C SER A 195 14.89 -13.19 -24.48
N LYS A 196 14.48 -14.43 -24.69
CA LYS A 196 14.84 -15.48 -23.70
C LYS A 196 16.37 -15.63 -23.67
N LEU A 197 17.02 -15.49 -24.82
CA LEU A 197 18.49 -15.60 -24.96
C LEU A 197 19.19 -14.62 -24.00
N GLY A 198 18.60 -13.45 -23.73
CA GLY A 198 19.27 -12.43 -22.89
C GLY A 198 18.80 -12.43 -21.44
N LEU A 199 17.97 -13.38 -21.03
CA LEU A 199 17.27 -13.43 -19.73
C LEU A 199 18.28 -13.34 -18.59
N ILE A 200 19.46 -13.91 -18.80
CA ILE A 200 20.56 -13.88 -17.80
C ILE A 200 20.94 -12.43 -17.45
N SER A 201 20.81 -11.49 -18.40
CA SER A 201 21.05 -10.07 -18.10
C SER A 201 20.03 -9.54 -17.08
N ARG A 202 18.79 -10.04 -17.05
CA ARG A 202 17.76 -9.59 -16.10
C ARG A 202 17.99 -10.20 -14.71
N THR A 203 18.32 -11.50 -14.65
CA THR A 203 18.41 -12.21 -13.34
C THR A 203 19.72 -11.89 -12.64
N ALA A 204 20.83 -11.82 -13.39
CA ALA A 204 22.19 -11.55 -12.88
C ALA A 204 22.58 -10.07 -13.07
N GLN A 205 21.61 -9.17 -13.28
CA GLN A 205 21.89 -7.73 -13.48
C GLN A 205 22.82 -7.20 -12.38
N GLY A 206 22.58 -7.59 -11.11
CA GLY A 206 23.36 -7.06 -10.00
C GLY A 206 24.79 -7.58 -10.01
N VAL A 207 24.96 -8.81 -10.48
CA VAL A 207 26.33 -9.42 -10.60
C VAL A 207 27.21 -8.54 -11.47
N PHE A 208 26.66 -7.88 -12.51
CA PHE A 208 27.46 -7.16 -13.53
C PHE A 208 27.36 -5.64 -13.34
N GLY A 209 26.93 -5.19 -12.16
CA GLY A 209 27.00 -3.80 -11.69
C GLY A 209 25.77 -3.00 -12.06
N GLY A 210 24.71 -3.64 -12.55
CA GLY A 210 23.48 -2.92 -12.95
C GLY A 210 22.55 -2.63 -11.77
N ALA A 211 21.74 -1.57 -11.90
CA ALA A 211 20.99 -0.94 -10.79
C ALA A 211 19.49 -1.30 -10.83
N LEU A 212 18.89 -1.53 -12.00
CA LEU A 212 17.45 -1.91 -12.13
C LEU A 212 17.32 -3.20 -12.93
N THR A 213 16.31 -4.00 -12.64
CA THR A 213 15.90 -5.14 -13.49
C THR A 213 14.38 -5.15 -13.57
N TYR A 214 13.87 -5.33 -14.79
CA TYR A 214 12.45 -5.08 -15.13
C TYR A 214 11.72 -6.42 -15.30
N GLY A 215 10.58 -6.54 -14.63
CA GLY A 215 9.68 -7.69 -14.75
C GLY A 215 8.24 -7.26 -14.87
N CYS A 216 7.34 -8.23 -14.94
CA CYS A 216 5.91 -7.96 -15.21
C CYS A 216 5.06 -8.42 -14.03
N ILE A 217 3.77 -8.11 -14.07
CA ILE A 217 2.82 -8.61 -13.06
C ILE A 217 2.02 -9.77 -13.69
N GLY A 218 1.57 -9.61 -14.93
CA GLY A 218 0.93 -10.68 -15.75
C GLY A 218 1.77 -11.15 -16.93
N GLU A 219 1.37 -10.79 -18.16
CA GLU A 219 2.06 -11.13 -19.43
C GLU A 219 3.34 -10.30 -19.58
N PRO A 220 4.39 -10.84 -20.26
CA PRO A 220 5.59 -10.07 -20.59
C PRO A 220 5.32 -8.72 -21.27
N GLN A 221 5.84 -7.62 -20.70
CA GLN A 221 5.70 -6.22 -21.22
C GLN A 221 6.85 -5.86 -22.14
N ALA A 222 7.91 -6.67 -22.17
CA ALA A 222 9.04 -6.55 -23.14
C ALA A 222 9.61 -7.95 -23.36
N PRO A 223 10.24 -8.20 -24.54
CA PRO A 223 10.83 -9.51 -24.83
C PRO A 223 11.78 -10.00 -23.73
N GLY A 224 11.47 -11.16 -23.12
CA GLY A 224 12.27 -11.87 -22.09
C GLY A 224 11.85 -11.62 -20.65
N GLN A 225 10.82 -10.79 -20.38
CA GLN A 225 10.40 -10.42 -19.00
C GLN A 225 9.77 -11.64 -18.31
N ILE A 226 9.94 -11.76 -16.98
CA ILE A 226 9.29 -12.73 -16.04
C ILE A 226 8.60 -11.96 -14.89
N ASP A 227 7.69 -12.62 -14.15
CA ASP A 227 6.97 -12.03 -12.99
C ASP A 227 7.98 -11.47 -11.98
N VAL A 228 7.66 -10.33 -11.37
CA VAL A 228 8.57 -9.66 -10.41
C VAL A 228 8.78 -10.51 -9.16
N THR A 229 7.81 -11.32 -8.72
CA THR A 229 8.06 -12.24 -7.58
C THR A 229 9.22 -13.16 -7.97
N ASP A 230 9.15 -13.79 -9.14
CA ASP A 230 10.20 -14.72 -9.63
C ASP A 230 11.49 -13.92 -9.85
N LEU A 231 11.39 -12.70 -10.37
CA LEU A 231 12.59 -11.86 -10.62
C LEU A 231 13.25 -11.49 -9.29
N LYS A 232 12.47 -11.12 -8.27
CA LYS A 232 13.04 -10.81 -6.92
C LYS A 232 13.76 -12.04 -6.38
N ALA A 233 13.15 -13.22 -6.50
CA ALA A 233 13.77 -14.50 -6.07
C ALA A 233 15.12 -14.72 -6.78
N GLN A 234 15.19 -14.42 -8.08
CA GLN A 234 16.43 -14.54 -8.90
C GLN A 234 17.50 -13.59 -8.38
N VAL A 235 17.15 -12.33 -8.25
CA VAL A 235 18.04 -11.27 -7.70
C VAL A 235 18.63 -11.74 -6.36
N THR A 236 17.78 -12.37 -5.53
CA THR A 236 18.14 -12.78 -4.15
C THR A 236 19.17 -13.92 -4.19
N LEU A 237 19.17 -14.72 -5.25
CA LEU A 237 20.10 -15.88 -5.43
C LEU A 237 21.54 -15.41 -5.70
N TYR A 238 21.74 -14.24 -6.34
CA TYR A 238 23.07 -13.81 -6.86
C TYR A 238 23.76 -12.85 -5.90
N MET B 1 -20.86 -7.43 -1.82
CA MET B 1 -21.84 -7.05 -0.77
C MET B 1 -21.25 -7.32 0.61
N THR B 2 -21.83 -6.71 1.67
CA THR B 2 -21.29 -6.83 3.04
C THR B 2 -22.44 -6.91 4.05
N HIS B 3 -22.37 -7.91 4.93
CA HIS B 3 -23.16 -8.01 6.18
C HIS B 3 -22.30 -7.41 7.27
N VAL B 4 -22.80 -6.37 7.92
CA VAL B 4 -22.04 -5.64 8.97
C VAL B 4 -22.28 -6.35 10.30
N GLU B 5 -21.23 -6.63 11.06
CA GLU B 5 -21.35 -7.14 12.45
C GLU B 5 -21.54 -5.93 13.38
N VAL B 6 -22.52 -6.01 14.31
CA VAL B 6 -22.75 -4.98 15.37
C VAL B 6 -21.91 -5.32 16.60
N VAL B 7 -21.13 -4.33 17.04
CA VAL B 7 -20.26 -4.40 18.22
C VAL B 7 -20.97 -3.62 19.33
N ALA B 8 -21.18 -4.24 20.49
CA ALA B 8 -21.54 -3.55 21.74
C ALA B 8 -20.27 -3.36 22.56
N THR B 9 -19.94 -2.11 22.92
CA THR B 9 -18.78 -1.78 23.79
C THR B 9 -19.26 -1.67 25.25
N ILE B 10 -18.57 -2.33 26.15
CA ILE B 10 -18.78 -2.19 27.62
C ILE B 10 -17.43 -1.87 28.23
N ALA B 11 -17.41 -1.17 29.37
CA ALA B 11 -16.15 -0.81 30.06
C ALA B 11 -16.34 -0.97 31.56
N PRO B 12 -16.48 -2.22 32.05
CA PRO B 12 -16.67 -2.51 33.47
C PRO B 12 -15.55 -1.97 34.35
N GLN B 13 -15.92 -1.36 35.49
CA GLN B 13 -15.00 -0.69 36.45
C GLN B 13 -14.04 -1.73 37.04
N LEU B 14 -14.55 -2.95 37.34
CA LEU B 14 -13.79 -4.05 38.00
C LEU B 14 -14.33 -5.44 37.62
N TYR B 15 -15.65 -5.67 37.74
CA TYR B 15 -16.40 -6.91 37.41
C TYR B 15 -17.57 -6.57 36.48
N ILE B 16 -18.04 -7.54 35.68
CA ILE B 16 -19.26 -7.34 34.85
C ILE B 16 -20.47 -7.55 35.77
N GLU B 17 -21.06 -6.44 36.22
CA GLU B 17 -22.15 -6.39 37.22
C GLU B 17 -23.39 -7.08 36.62
N GLU B 18 -24.20 -7.71 37.46
CA GLU B 18 -25.44 -8.41 36.99
CA GLU B 18 -25.45 -8.40 37.01
C GLU B 18 -26.29 -7.43 36.18
N THR B 19 -26.33 -6.14 36.55
CA THR B 19 -27.19 -5.15 35.86
C THR B 19 -26.73 -5.03 34.40
N LEU B 20 -25.42 -5.12 34.17
CA LEU B 20 -24.81 -5.08 32.82
C LEU B 20 -25.22 -6.36 32.08
N ILE B 21 -25.02 -7.51 32.72
CA ILE B 21 -25.28 -8.86 32.13
C ILE B 21 -26.74 -8.88 31.65
N GLN B 22 -27.68 -8.40 32.48
CA GLN B 22 -29.14 -8.32 32.13
C GLN B 22 -29.35 -7.45 30.90
N LYS B 23 -28.62 -6.34 30.75
CA LYS B 23 -28.79 -5.41 29.61
C LYS B 23 -28.20 -6.05 28.33
N ILE B 24 -27.11 -6.82 28.45
CA ILE B 24 -26.52 -7.63 27.33
C ILE B 24 -27.56 -8.66 26.88
N ASN B 25 -28.13 -9.43 27.82
CA ASN B 25 -29.19 -10.44 27.54
C ASN B 25 -30.35 -9.72 26.84
N HIS B 26 -30.71 -8.51 27.27
CA HIS B 26 -31.88 -7.74 26.74
C HIS B 26 -31.69 -7.37 25.26
N ARG B 27 -30.44 -7.19 24.82
CA ARG B 27 -30.09 -6.70 23.45
C ARG B 27 -29.41 -7.82 22.65
N ILE B 28 -29.42 -9.05 23.18
CA ILE B 28 -28.60 -10.20 22.71
C ILE B 28 -28.78 -10.43 21.22
N ASP B 29 -29.97 -10.16 20.68
CA ASP B 29 -30.27 -10.40 19.23
C ASP B 29 -29.45 -9.42 18.39
N ALA B 30 -29.10 -8.26 18.96
CA ALA B 30 -28.41 -7.16 18.23
C ALA B 30 -26.88 -7.32 18.26
N ILE B 31 -26.31 -8.06 19.22
CA ILE B 31 -24.85 -8.08 19.49
C ILE B 31 -24.18 -9.23 18.72
N ASP B 32 -23.39 -8.90 17.70
CA ASP B 32 -22.54 -9.87 16.95
C ASP B 32 -21.16 -9.94 17.61
N VAL B 33 -20.65 -8.80 18.10
CA VAL B 33 -19.36 -8.75 18.84
C VAL B 33 -19.63 -7.97 20.13
N LEU B 34 -19.21 -8.53 21.26
CA LEU B 34 -19.12 -7.80 22.55
C LEU B 34 -17.68 -7.33 22.70
N GLU B 35 -17.49 -6.01 22.69
CA GLU B 35 -16.17 -5.40 22.94
C GLU B 35 -16.09 -5.06 24.43
N LEU B 36 -15.28 -5.84 25.13
CA LEU B 36 -14.83 -5.56 26.50
C LEU B 36 -13.62 -4.62 26.43
N ARG B 37 -13.86 -3.33 26.65
CA ARG B 37 -12.76 -2.37 26.93
C ARG B 37 -12.18 -2.74 28.29
N ILE B 38 -10.86 -2.76 28.44
CA ILE B 38 -10.17 -3.05 29.72
C ILE B 38 -9.18 -1.93 30.10
N ASP B 39 -9.00 -0.90 29.26
CA ASP B 39 -7.99 0.17 29.53
C ASP B 39 -8.41 0.98 30.76
N GLN B 40 -9.70 0.99 31.12
CA GLN B 40 -10.25 1.68 32.32
C GLN B 40 -9.91 0.91 33.61
N ILE B 41 -9.40 -0.32 33.52
CA ILE B 41 -9.01 -1.13 34.71
C ILE B 41 -7.53 -0.87 34.99
N GLU B 42 -7.23 -0.02 35.98
CA GLU B 42 -5.84 0.31 36.41
C GLU B 42 -5.13 -0.99 36.79
N ASN B 43 -3.88 -1.16 36.36
CA ASN B 43 -3.03 -2.33 36.69
C ASN B 43 -3.74 -3.63 36.31
N VAL B 44 -4.43 -3.63 35.16
CA VAL B 44 -5.19 -4.82 34.63
C VAL B 44 -4.19 -5.94 34.31
N THR B 45 -4.63 -7.19 34.43
CA THR B 45 -3.84 -8.44 34.19
C THR B 45 -4.62 -9.39 33.29
N VAL B 46 -3.92 -10.35 32.68
CA VAL B 46 -4.52 -11.41 31.80
C VAL B 46 -5.50 -12.24 32.64
N ASN B 47 -5.10 -12.60 33.86
CA ASN B 47 -5.91 -13.37 34.84
C ASN B 47 -7.21 -12.63 35.15
N GLN B 48 -7.10 -11.36 35.54
CA GLN B 48 -8.26 -10.46 35.82
C GLN B 48 -9.23 -10.52 34.63
N VAL B 49 -8.72 -10.40 33.40
CA VAL B 49 -9.58 -10.48 32.18
C VAL B 49 -10.20 -11.89 32.07
N ALA B 50 -9.43 -12.93 32.35
CA ALA B 50 -9.88 -14.34 32.27
C ALA B 50 -11.07 -14.54 33.23
N GLU B 51 -10.91 -14.04 34.47
CA GLU B 51 -11.95 -14.05 35.53
C GLU B 51 -13.22 -13.36 35.03
N MET B 52 -13.08 -12.14 34.49
CA MET B 52 -14.19 -11.23 34.06
C MET B 52 -15.10 -11.94 33.06
N ILE B 53 -14.49 -12.65 32.10
CA ILE B 53 -15.11 -13.25 30.87
C ILE B 53 -16.15 -14.33 31.22
N THR B 54 -15.94 -15.10 32.29
CA THR B 54 -16.71 -16.35 32.58
C THR B 54 -18.23 -16.07 32.49
N LYS B 55 -18.68 -14.89 32.94
CA LYS B 55 -20.11 -14.51 33.00
C LYS B 55 -20.74 -14.47 31.58
N LEU B 56 -19.92 -14.39 30.51
CA LEU B 56 -20.38 -14.22 29.11
C LEU B 56 -20.50 -15.59 28.41
N LYS B 57 -19.88 -16.63 28.99
CA LYS B 57 -19.70 -17.99 28.41
C LYS B 57 -21.03 -18.53 27.88
N VAL B 58 -22.12 -18.39 28.65
CA VAL B 58 -23.50 -18.87 28.32
C VAL B 58 -23.98 -18.21 27.02
N MET B 59 -23.54 -16.99 26.72
CA MET B 59 -24.00 -16.18 25.57
C MET B 59 -23.06 -16.33 24.36
N GLN B 60 -22.00 -17.14 24.46
CA GLN B 60 -20.86 -17.20 23.48
C GLN B 60 -21.34 -17.61 22.08
N ASP B 61 -22.53 -18.20 21.95
CA ASP B 61 -23.09 -18.63 20.64
C ASP B 61 -23.85 -17.45 20.00
N SER B 62 -24.10 -16.37 20.75
CA SER B 62 -24.88 -15.19 20.29
C SER B 62 -23.95 -14.12 19.70
N PHE B 63 -22.67 -14.17 20.07
CA PHE B 63 -21.65 -13.16 19.69
C PHE B 63 -20.20 -13.62 19.95
N LYS B 64 -19.26 -12.94 19.28
CA LYS B 64 -17.80 -13.06 19.49
C LYS B 64 -17.34 -12.03 20.52
N LEU B 65 -16.33 -12.37 21.31
CA LEU B 65 -15.76 -11.53 22.39
C LEU B 65 -14.49 -10.85 21.87
N LEU B 66 -14.54 -9.52 21.74
CA LEU B 66 -13.37 -8.67 21.37
C LEU B 66 -12.83 -8.02 22.65
N VAL B 67 -11.52 -8.03 22.87
CA VAL B 67 -10.90 -7.36 24.06
C VAL B 67 -9.97 -6.25 23.57
N THR B 68 -10.20 -5.02 24.06
CA THR B 68 -9.57 -3.76 23.59
C THR B 68 -9.00 -3.00 24.77
N TYR B 69 -7.67 -2.88 24.82
CA TYR B 69 -6.92 -1.90 25.63
C TYR B 69 -6.63 -0.67 24.76
N ARG B 70 -7.45 0.38 24.89
CA ARG B 70 -7.24 1.65 24.17
C ARG B 70 -6.30 2.54 25.00
N THR B 71 -5.12 2.86 24.46
CA THR B 71 -4.09 3.67 25.14
C THR B 71 -4.55 5.13 25.21
N LYS B 72 -3.97 5.90 26.13
CA LYS B 72 -4.23 7.36 26.32
C LYS B 72 -3.96 8.09 25.01
N LEU B 73 -2.87 7.75 24.33
CA LEU B 73 -2.44 8.35 23.03
C LEU B 73 -3.56 8.21 21.99
N GLN B 74 -4.32 7.12 22.01
CA GLN B 74 -5.35 6.86 20.96
C GLN B 74 -6.75 7.13 21.51
N GLY B 75 -6.86 7.92 22.59
CA GLY B 75 -8.13 8.47 23.10
C GLY B 75 -8.72 7.65 24.23
N GLY B 76 -7.97 6.71 24.81
CA GLY B 76 -8.46 5.83 25.89
C GLY B 76 -7.87 6.19 27.24
N TYR B 77 -8.09 5.35 28.26
CA TYR B 77 -7.62 5.53 29.65
C TYR B 77 -6.27 4.85 29.90
N GLY B 78 -5.83 3.97 28.99
CA GLY B 78 -4.67 3.07 29.17
C GLY B 78 -3.36 3.83 29.30
N GLN B 79 -2.68 3.69 30.45
CA GLN B 79 -1.41 4.41 30.77
C GLN B 79 -0.19 3.52 30.52
N PHE B 80 -0.39 2.21 30.30
CA PHE B 80 0.70 1.22 30.13
C PHE B 80 1.77 1.77 29.18
N THR B 81 3.03 1.57 29.52
CA THR B 81 4.20 1.85 28.64
C THR B 81 4.00 1.06 27.35
N ASN B 82 4.62 1.47 26.25
CA ASN B 82 4.44 0.79 24.95
C ASN B 82 4.84 -0.68 25.11
N ASP B 83 5.96 -0.95 25.81
CA ASP B 83 6.46 -2.31 26.17
C ASP B 83 5.37 -3.14 26.83
N LEU B 84 4.79 -2.62 27.93
CA LEU B 84 3.79 -3.32 28.77
C LEU B 84 2.49 -3.56 27.98
N TYR B 85 2.03 -2.56 27.21
CA TYR B 85 0.82 -2.61 26.35
C TYR B 85 0.95 -3.77 25.35
N LEU B 86 2.10 -3.87 24.67
CA LEU B 86 2.38 -4.90 23.63
C LEU B 86 2.52 -6.27 24.28
N ASN B 87 3.14 -6.32 25.47
CA ASN B 87 3.22 -7.55 26.30
C ASN B 87 1.80 -8.01 26.63
N LEU B 88 0.92 -7.09 27.01
CA LEU B 88 -0.48 -7.42 27.38
C LEU B 88 -1.21 -7.94 26.13
N ILE B 89 -1.01 -7.30 24.98
CA ILE B 89 -1.71 -7.64 23.70
C ILE B 89 -1.37 -9.09 23.32
N SER B 90 -0.08 -9.43 23.34
CA SER B 90 0.42 -10.81 23.08
C SER B 90 -0.16 -11.79 24.09
N ASP B 91 -0.10 -11.43 25.37
CA ASP B 91 -0.46 -12.31 26.52
C ASP B 91 -1.98 -12.53 26.57
N LEU B 92 -2.79 -11.74 25.84
CA LEU B 92 -4.27 -11.94 25.74
C LEU B 92 -4.60 -13.14 24.85
N ALA B 93 -3.67 -13.60 24.01
CA ALA B 93 -3.86 -14.77 23.11
C ALA B 93 -4.17 -16.04 23.92
N ASN B 94 -3.76 -16.09 25.20
CA ASN B 94 -3.84 -17.27 26.10
C ASN B 94 -5.26 -17.51 26.59
N ILE B 95 -6.16 -16.54 26.44
CA ILE B 95 -7.56 -16.63 26.97
C ILE B 95 -8.47 -17.26 25.92
N ASN B 96 -8.77 -18.56 26.08
CA ASN B 96 -9.57 -19.36 25.12
C ASN B 96 -10.86 -18.61 24.77
N GLY B 97 -11.46 -17.95 25.76
CA GLY B 97 -12.74 -17.23 25.64
C GLY B 97 -12.65 -16.02 24.70
N ILE B 98 -11.44 -15.48 24.46
CA ILE B 98 -11.27 -14.31 23.55
C ILE B 98 -11.33 -14.79 22.10
N ASP B 99 -12.25 -14.24 21.30
CA ASP B 99 -12.40 -14.48 19.83
C ASP B 99 -11.55 -13.47 19.04
N MET B 100 -11.57 -12.18 19.41
CA MET B 100 -10.89 -11.08 18.66
C MET B 100 -10.10 -10.19 19.61
N ILE B 101 -8.99 -9.62 19.12
CA ILE B 101 -8.09 -8.72 19.89
C ILE B 101 -7.77 -7.48 19.05
N ASP B 102 -7.85 -6.31 19.68
CA ASP B 102 -7.54 -5.00 19.06
C ASP B 102 -6.07 -4.68 19.34
N ILE B 103 -5.32 -4.30 18.30
CA ILE B 103 -3.94 -3.76 18.43
C ILE B 103 -3.89 -2.43 17.71
N GLU B 104 -3.20 -1.46 18.28
CA GLU B 104 -3.16 -0.05 17.82
C GLU B 104 -2.06 0.13 16.78
N TRP B 105 -2.33 0.91 15.73
CA TRP B 105 -1.30 1.31 14.76
C TRP B 105 -1.07 2.83 14.84
N GLN B 106 0.19 3.24 14.73
CA GLN B 106 0.58 4.66 14.49
C GLN B 106 1.83 4.64 13.61
N ALA B 107 2.21 5.80 13.06
CA ALA B 107 3.25 5.90 12.00
C ALA B 107 4.62 5.47 12.54
N ASP B 108 4.84 5.50 13.86
CA ASP B 108 6.19 5.42 14.48
C ASP B 108 6.56 3.97 14.85
N ILE B 109 5.72 2.98 14.51
CA ILE B 109 5.81 1.60 15.08
C ILE B 109 6.97 0.83 14.45
N ASP B 110 7.51 -0.13 15.21
CA ASP B 110 8.46 -1.19 14.76
C ASP B 110 7.65 -2.27 14.02
N ILE B 111 7.74 -2.27 12.69
CA ILE B 111 6.89 -3.09 11.75
C ILE B 111 7.11 -4.58 12.03
N GLU B 112 8.35 -5.01 12.31
CA GLU B 112 8.72 -6.44 12.55
C GLU B 112 8.05 -6.93 13.84
N LYS B 113 8.23 -6.19 14.94
CA LYS B 113 7.69 -6.50 16.29
C LYS B 113 6.15 -6.58 16.21
N HIS B 114 5.51 -5.64 15.52
CA HIS B 114 4.05 -5.59 15.31
C HIS B 114 3.61 -6.86 14.58
N GLN B 115 4.38 -7.29 13.57
CA GLN B 115 4.02 -8.40 12.65
C GLN B 115 4.14 -9.73 13.41
N ARG B 116 5.11 -9.83 14.32
CA ARG B 116 5.33 -11.03 15.18
C ARG B 116 4.09 -11.22 16.07
N ILE B 117 3.67 -10.15 16.73
CA ILE B 117 2.49 -10.12 17.64
C ILE B 117 1.24 -10.55 16.85
N ILE B 118 0.98 -9.92 15.71
CA ILE B 118 -0.22 -10.21 14.88
C ILE B 118 -0.19 -11.68 14.45
N THR B 119 0.94 -12.18 13.97
CA THR B 119 1.06 -13.61 13.51
C THR B 119 0.84 -14.54 14.70
N HIS B 120 1.40 -14.21 15.87
CA HIS B 120 1.21 -14.98 17.13
C HIS B 120 -0.28 -15.05 17.48
N LEU B 121 -0.99 -13.92 17.49
CA LEU B 121 -2.44 -13.87 17.77
C LEU B 121 -3.19 -14.80 16.79
N GLN B 122 -2.80 -14.79 15.52
CA GLN B 122 -3.51 -15.53 14.43
C GLN B 122 -3.20 -17.04 14.58
N GLN B 123 -1.95 -17.36 14.95
CA GLN B 123 -1.53 -18.72 15.40
C GLN B 123 -2.50 -19.22 16.47
N TYR B 124 -2.78 -18.38 17.48
CA TYR B 124 -3.65 -18.72 18.65
C TYR B 124 -5.12 -18.57 18.27
N ASN B 125 -5.43 -18.49 16.96
CA ASN B 125 -6.79 -18.53 16.40
C ASN B 125 -7.61 -17.33 16.91
N LYS B 126 -6.93 -16.19 17.11
CA LYS B 126 -7.58 -14.90 17.47
C LYS B 126 -7.69 -14.05 16.19
N GLU B 127 -8.87 -13.49 15.91
CA GLU B 127 -9.01 -12.51 14.83
C GLU B 127 -8.35 -11.21 15.34
N VAL B 128 -7.55 -10.59 14.48
CA VAL B 128 -6.85 -9.33 14.81
C VAL B 128 -7.62 -8.18 14.17
N VAL B 129 -8.04 -7.21 15.00
CA VAL B 129 -8.46 -5.84 14.59
C VAL B 129 -7.27 -4.90 14.80
N ILE B 130 -6.68 -4.38 13.72
CA ILE B 130 -5.65 -3.31 13.85
C ILE B 130 -6.37 -1.95 13.74
N SER B 131 -6.18 -1.08 14.72
CA SER B 131 -6.96 0.18 14.89
C SER B 131 -6.06 1.41 14.84
N HIS B 132 -6.60 2.49 14.30
CA HIS B 132 -6.03 3.86 14.47
C HIS B 132 -7.17 4.82 14.78
N HIS B 133 -7.02 5.61 15.85
CA HIS B 133 -7.95 6.68 16.26
C HIS B 133 -7.29 8.06 16.18
N ASN B 134 -7.98 9.00 15.55
CA ASN B 134 -7.65 10.44 15.62
C ASN B 134 -8.90 11.17 16.15
N PHE B 135 -8.85 11.60 17.40
CA PHE B 135 -9.97 12.28 18.11
C PHE B 135 -9.99 13.78 17.77
N GLU B 136 -8.93 14.29 17.13
CA GLU B 136 -8.77 15.73 16.89
C GLU B 136 -9.40 16.10 15.56
N SER B 137 -9.19 15.30 14.52
CA SER B 137 -9.49 15.73 13.13
C SER B 137 -9.53 14.53 12.20
N THR B 138 -9.87 14.83 10.95
CA THR B 138 -9.85 13.89 9.82
C THR B 138 -8.78 14.35 8.85
N PRO B 139 -7.67 13.60 8.77
CA PRO B 139 -6.65 13.88 7.76
C PRO B 139 -7.28 13.98 6.37
N PRO B 140 -6.66 14.70 5.41
CA PRO B 140 -7.11 14.69 4.02
C PRO B 140 -7.20 13.25 3.46
N LEU B 141 -7.98 13.07 2.39
CA LEU B 141 -8.27 11.75 1.78
C LEU B 141 -6.96 10.98 1.54
N ASP B 142 -5.97 11.62 0.93
CA ASP B 142 -4.70 10.93 0.55
C ASP B 142 -4.09 10.29 1.80
N GLU B 143 -4.13 10.99 2.95
CA GLU B 143 -3.54 10.57 4.24
C GLU B 143 -4.36 9.45 4.90
N LEU B 144 -5.69 9.50 4.79
CA LEU B 144 -6.59 8.39 5.26
C LEU B 144 -6.19 7.12 4.52
N GLN B 145 -6.14 7.21 3.18
CA GLN B 145 -5.85 6.05 2.29
C GLN B 145 -4.48 5.50 2.68
N PHE B 146 -3.53 6.38 3.00
CA PHE B 146 -2.15 6.03 3.41
C PHE B 146 -2.17 5.20 4.69
N ILE B 147 -2.90 5.66 5.73
CA ILE B 147 -2.95 5.03 7.08
C ILE B 147 -3.59 3.64 6.94
N PHE B 148 -4.61 3.49 6.10
CA PHE B 148 -5.29 2.20 5.84
C PHE B 148 -4.29 1.24 5.18
N PHE B 149 -3.60 1.72 4.15
CA PHE B 149 -2.64 0.90 3.37
C PHE B 149 -1.59 0.33 4.32
N LYS B 150 -1.09 1.18 5.23
CA LYS B 150 -0.02 0.79 6.17
C LYS B 150 -0.56 -0.27 7.14
N MET B 151 -1.81 -0.16 7.58
CA MET B 151 -2.40 -1.11 8.56
C MET B 151 -2.67 -2.48 7.91
N GLN B 152 -3.14 -2.51 6.67
CA GLN B 152 -3.50 -3.77 5.97
C GLN B 152 -2.25 -4.57 5.59
N LYS B 153 -1.07 -3.93 5.61
CA LYS B 153 0.24 -4.57 5.27
C LYS B 153 0.56 -5.71 6.24
N PHE B 154 -0.13 -5.77 7.38
CA PHE B 154 0.07 -6.77 8.46
C PHE B 154 -0.84 -7.99 8.26
N ASN B 155 -1.69 -7.97 7.23
CA ASN B 155 -2.72 -9.02 6.99
C ASN B 155 -3.45 -9.33 8.30
N PRO B 156 -4.10 -8.32 8.91
CA PRO B 156 -5.00 -8.56 10.03
C PRO B 156 -6.33 -9.07 9.47
N GLU B 157 -7.26 -9.50 10.33
CA GLU B 157 -8.65 -9.81 9.89
C GLU B 157 -9.37 -8.52 9.53
N TYR B 158 -9.17 -7.45 10.31
CA TYR B 158 -9.86 -6.15 10.18
C TYR B 158 -8.84 -5.02 10.29
N VAL B 159 -9.01 -3.97 9.49
CA VAL B 159 -8.36 -2.66 9.72
C VAL B 159 -9.45 -1.67 10.14
N LYS B 160 -9.18 -0.92 11.20
CA LYS B 160 -10.16 0.05 11.77
C LYS B 160 -9.54 1.43 11.82
N LEU B 161 -10.23 2.40 11.21
CA LEU B 161 -9.82 3.83 11.23
C LEU B 161 -11.00 4.67 11.73
N ALA B 162 -10.80 5.33 12.87
CA ALA B 162 -11.78 6.23 13.52
C ALA B 162 -11.19 7.64 13.58
N VAL B 163 -11.90 8.60 13.01
CA VAL B 163 -11.43 10.01 12.83
C VAL B 163 -12.57 10.94 13.21
N MET B 164 -12.22 12.15 13.66
CA MET B 164 -13.18 13.18 14.11
C MET B 164 -13.43 14.13 12.95
N PRO B 165 -14.66 14.18 12.37
CA PRO B 165 -14.96 15.12 11.32
C PRO B 165 -15.15 16.51 11.93
N HIS B 166 -14.85 17.56 11.17
CA HIS B 166 -15.29 18.91 11.58
CA HIS B 166 -15.11 18.99 11.50
C HIS B 166 -16.10 19.58 10.49
N ASN B 167 -16.35 18.86 9.40
CA ASN B 167 -17.28 19.31 8.35
C ASN B 167 -17.76 18.11 7.54
N LYS B 168 -18.71 18.35 6.65
CA LYS B 168 -19.32 17.27 5.85
C LYS B 168 -18.22 16.62 5.02
N ASN B 169 -17.33 17.44 4.45
CA ASN B 169 -16.25 16.94 3.56
C ASN B 169 -15.42 15.87 4.30
N ASP B 170 -15.17 16.05 5.60
CA ASP B 170 -14.39 15.10 6.40
C ASP B 170 -15.14 13.76 6.46
N VAL B 171 -16.46 13.79 6.56
CA VAL B 171 -17.26 12.53 6.62
C VAL B 171 -17.12 11.81 5.27
N LEU B 172 -17.36 12.52 4.18
CA LEU B 172 -17.31 11.97 2.80
C LEU B 172 -15.90 11.40 2.54
N ASN B 173 -14.85 12.07 3.01
CA ASN B 173 -13.47 11.55 2.82
C ASN B 173 -13.28 10.21 3.51
N LEU B 174 -13.73 10.06 4.78
CA LEU B 174 -13.62 8.77 5.51
C LEU B 174 -14.40 7.71 4.73
N LEU B 175 -15.61 8.02 4.26
CA LEU B 175 -16.44 7.03 3.51
C LEU B 175 -15.72 6.65 2.21
N GLN B 176 -15.12 7.64 1.54
CA GLN B 176 -14.37 7.38 0.27
C GLN B 176 -13.17 6.48 0.54
N ALA B 177 -12.39 6.74 1.59
CA ALA B 177 -11.16 5.99 1.93
C ALA B 177 -11.54 4.52 2.21
N MET B 178 -12.63 4.31 2.96
CA MET B 178 -13.25 2.98 3.22
C MET B 178 -13.63 2.30 1.90
N SER B 179 -14.42 2.98 1.08
CA SER B 179 -15.00 2.44 -0.17
C SER B 179 -13.85 1.99 -1.09
N THR B 180 -12.84 2.84 -1.28
CA THR B 180 -11.71 2.50 -2.19
C THR B 180 -10.98 1.30 -1.62
N PHE B 181 -10.71 1.33 -0.31
CA PHE B 181 -10.07 0.20 0.40
C PHE B 181 -10.83 -1.10 0.13
N SER B 182 -12.16 -1.11 0.31
CA SER B 182 -12.96 -2.36 0.18
C SER B 182 -12.83 -2.92 -1.25
N ASP B 183 -12.63 -2.05 -2.24
CA ASP B 183 -12.63 -2.39 -3.69
C ASP B 183 -11.26 -2.93 -4.15
N THR B 184 -10.20 -2.71 -3.37
CA THR B 184 -8.78 -2.87 -3.77
C THR B 184 -7.96 -3.76 -2.80
N MET B 185 -8.39 -3.96 -1.56
CA MET B 185 -7.56 -4.68 -0.56
C MET B 185 -8.22 -6.01 -0.20
N ASP B 186 -7.55 -6.83 0.61
CA ASP B 186 -7.92 -8.24 0.88
C ASP B 186 -8.69 -8.37 2.21
N CYS B 187 -8.21 -7.72 3.27
CA CYS B 187 -8.77 -7.87 4.65
C CYS B 187 -10.02 -7.01 4.80
N LYS B 188 -10.75 -7.18 5.92
CA LYS B 188 -11.98 -6.42 6.21
C LYS B 188 -11.61 -5.00 6.66
N VAL B 189 -12.48 -4.05 6.39
CA VAL B 189 -12.23 -2.62 6.72
C VAL B 189 -13.35 -2.15 7.64
N VAL B 190 -13.00 -1.30 8.60
CA VAL B 190 -13.98 -0.57 9.46
C VAL B 190 -13.61 0.91 9.39
N GLY B 191 -14.57 1.76 9.02
CA GLY B 191 -14.35 3.21 8.95
C GLY B 191 -15.32 3.89 9.89
N ILE B 192 -14.82 4.69 10.84
CA ILE B 192 -15.71 5.43 11.77
C ILE B 192 -15.40 6.92 11.65
N SER B 193 -16.38 7.70 11.24
CA SER B 193 -16.41 9.17 11.40
C SER B 193 -17.16 9.40 12.72
N MET B 194 -16.50 9.99 13.70
CA MET B 194 -17.05 10.12 15.08
C MET B 194 -18.00 11.31 15.18
N SER B 195 -18.70 11.42 16.31
CA SER B 195 -19.62 12.52 16.67
C SER B 195 -20.95 12.37 15.94
N LYS B 196 -21.93 13.23 16.25
CA LYS B 196 -23.25 13.24 15.56
C LYS B 196 -23.04 13.40 14.04
N LEU B 197 -22.15 14.30 13.64
CA LEU B 197 -21.86 14.59 12.21
C LEU B 197 -21.52 13.29 11.45
N GLY B 198 -20.81 12.37 12.09
CA GLY B 198 -20.31 11.12 11.47
C GLY B 198 -21.24 9.91 11.66
N LEU B 199 -22.45 10.07 12.23
CA LEU B 199 -23.39 8.95 12.51
C LEU B 199 -23.66 8.13 11.23
N ILE B 200 -23.81 8.77 10.08
CA ILE B 200 -24.02 8.06 8.78
C ILE B 200 -22.92 7.01 8.58
N SER B 201 -21.69 7.25 9.04
CA SER B 201 -20.61 6.25 8.88
C SER B 201 -20.94 4.97 9.67
N ARG B 202 -21.71 5.07 10.76
CA ARG B 202 -22.02 3.89 11.63
C ARG B 202 -23.23 3.11 11.09
N THR B 203 -24.23 3.82 10.56
CA THR B 203 -25.52 3.24 10.13
C THR B 203 -25.38 2.66 8.72
N ALA B 204 -24.65 3.34 7.83
CA ALA B 204 -24.51 2.94 6.41
C ALA B 204 -23.10 2.36 6.15
N GLN B 205 -22.47 1.87 7.21
CA GLN B 205 -21.12 1.26 7.18
C GLN B 205 -21.06 0.22 6.04
N GLY B 206 -22.13 -0.57 5.92
CA GLY B 206 -22.24 -1.67 4.95
C GLY B 206 -22.34 -1.17 3.53
N VAL B 207 -22.99 -0.04 3.31
CA VAL B 207 -23.11 0.58 1.95
C VAL B 207 -21.70 0.83 1.37
N PHE B 208 -20.71 1.16 2.21
CA PHE B 208 -19.37 1.62 1.76
C PHE B 208 -18.33 0.53 2.00
N GLY B 209 -18.76 -0.71 2.23
CA GLY B 209 -17.89 -1.91 2.26
C GLY B 209 -17.36 -2.23 3.64
N GLY B 210 -17.82 -1.53 4.67
CA GLY B 210 -17.31 -1.74 6.02
C GLY B 210 -18.01 -2.90 6.70
N ALA B 211 -17.29 -3.59 7.59
CA ALA B 211 -17.62 -4.92 8.15
C ALA B 211 -18.14 -4.85 9.60
N LEU B 212 -17.75 -3.82 10.38
CA LEU B 212 -18.17 -3.65 11.81
C LEU B 212 -18.78 -2.27 12.00
N THR B 213 -19.72 -2.15 12.94
CA THR B 213 -20.29 -0.86 13.37
C THR B 213 -20.51 -0.96 14.89
N TYR B 214 -20.08 0.06 15.62
CA TYR B 214 -19.91 0.05 17.08
C TYR B 214 -21.06 0.85 17.69
N GLY B 215 -21.75 0.25 18.66
CA GLY B 215 -22.79 0.91 19.48
C GLY B 215 -22.57 0.65 20.95
N CYS B 216 -23.47 1.18 21.79
CA CYS B 216 -23.35 1.10 23.27
C CYS B 216 -24.51 0.26 23.80
N ILE B 217 -24.39 -0.21 25.05
CA ILE B 217 -25.49 -0.84 25.81
C ILE B 217 -26.16 0.25 26.67
N GLY B 218 -25.40 0.89 27.56
CA GLY B 218 -25.89 2.00 28.40
C GLY B 218 -25.66 3.36 27.75
N GLU B 219 -24.60 4.06 28.17
CA GLU B 219 -24.19 5.39 27.66
C GLU B 219 -23.26 5.23 26.47
N PRO B 220 -23.16 6.26 25.60
CA PRO B 220 -22.13 6.28 24.54
C PRO B 220 -20.70 6.09 25.08
N GLN B 221 -19.97 5.12 24.53
CA GLN B 221 -18.56 4.74 24.89
C GLN B 221 -17.57 5.43 23.93
N ALA B 222 -18.09 6.11 22.91
CA ALA B 222 -17.29 6.90 21.94
C ALA B 222 -18.22 7.92 21.28
N PRO B 223 -17.70 9.12 20.93
CA PRO B 223 -18.54 10.19 20.36
C PRO B 223 -19.33 9.71 19.14
N GLY B 224 -20.66 9.81 19.18
CA GLY B 224 -21.60 9.44 18.10
C GLY B 224 -22.26 8.07 18.27
N GLN B 225 -21.80 7.23 19.21
CA GLN B 225 -22.35 5.87 19.49
C GLN B 225 -23.86 5.95 19.77
N ILE B 226 -24.62 4.94 19.31
CA ILE B 226 -26.07 4.72 19.63
C ILE B 226 -26.26 3.30 20.15
N ASP B 227 -27.46 3.01 20.67
CA ASP B 227 -27.80 1.69 21.24
C ASP B 227 -27.67 0.65 20.13
N VAL B 228 -26.99 -0.46 20.39
CA VAL B 228 -26.84 -1.58 19.42
C VAL B 228 -28.22 -2.05 18.93
N THR B 229 -29.27 -1.99 19.75
CA THR B 229 -30.63 -2.40 19.29
C THR B 229 -31.01 -1.50 18.11
N ASP B 230 -30.93 -0.18 18.29
CA ASP B 230 -31.23 0.85 17.27
C ASP B 230 -30.28 0.67 16.07
N LEU B 231 -29.01 0.35 16.32
CA LEU B 231 -27.95 0.24 15.28
C LEU B 231 -28.27 -0.95 14.34
N LYS B 232 -28.74 -2.08 14.88
CA LYS B 232 -29.17 -3.24 14.04
C LYS B 232 -30.27 -2.82 13.08
N ALA B 233 -31.36 -2.22 13.59
CA ALA B 233 -32.49 -1.74 12.78
C ALA B 233 -31.94 -0.97 11.56
N GLN B 234 -30.92 -0.13 11.81
CA GLN B 234 -30.24 0.74 10.81
C GLN B 234 -29.47 -0.11 9.79
N VAL B 235 -28.57 -0.98 10.25
CA VAL B 235 -27.74 -1.83 9.36
C VAL B 235 -28.68 -2.59 8.40
N THR B 236 -29.78 -3.13 8.92
CA THR B 236 -30.74 -4.00 8.18
C THR B 236 -31.43 -3.25 7.05
N LEU B 237 -31.56 -1.91 7.14
CA LEU B 237 -32.24 -1.07 6.13
C LEU B 237 -31.38 -0.97 4.86
N TYR B 238 -30.05 -1.07 5.01
CA TYR B 238 -29.04 -1.00 3.92
C TYR B 238 -28.45 -2.40 3.72
#